data_2PVI
#
_entry.id   2PVI
#
_cell.length_a   95.800
_cell.length_b   86.300
_cell.length_c   48.500
_cell.angle_alpha   90.00
_cell.angle_beta   90.00
_cell.angle_gamma   90.00
#
_symmetry.space_group_name_H-M   'P 21 21 21'
#
loop_
_entity.id
_entity.type
_entity.pdbx_description
1 polymer "DNA (5'-D(*TP*GP*AP*CP*CP*AP*GP*(C38)P*TP*GP*GP*TP*C)-3')"
2 polymer 'TYPE II RESTRICTION ENZYME PVUII'
3 water water
#
loop_
_entity_poly.entity_id
_entity_poly.type
_entity_poly.pdbx_seq_one_letter_code
_entity_poly.pdbx_strand_id
1 'polydeoxyribonucleotide' (DT)(DG)(DA)(DC)(DC)(DA)(DG)(C38)(DT)(DG)(DG)(DT)(DC) C,D
2 'polypeptide(L)'
;MSHPDLNKLLELWPHIQEYQDLALKHGINDIFQDNGGKLLQVLLITGLTVLPGRAGNDAVDNAGQEYELKSINIDLTKGF
STHHHMNPVIIAKARQVPWIFAIYRGIAIEAIYRLEPKDLEFYYDKWERKWYSDGHKDINNPKIPVKYVMEHGTKIY
;
A,B
#
# COMPACT_ATOMS: atom_id res chain seq x y z
N SER C 2 8.07 -23.08 -11.12
CA SER C 2 6.83 -22.25 -11.12
C SER C 2 5.61 -23.06 -10.71
N HIS C 3 4.62 -22.35 -10.16
CA HIS C 3 3.39 -22.96 -9.72
C HIS C 3 2.45 -23.11 -10.94
N PRO C 4 1.50 -24.06 -10.90
CA PRO C 4 0.56 -24.30 -12.00
C PRO C 4 -0.34 -23.09 -12.33
N ASP C 5 -0.84 -22.40 -11.30
CA ASP C 5 -1.73 -21.24 -11.48
C ASP C 5 -1.14 -20.11 -12.33
N LEU C 6 0.17 -20.15 -12.57
CA LEU C 6 0.82 -19.11 -13.35
C LEU C 6 0.16 -18.96 -14.72
N ASN C 7 -0.32 -20.06 -15.28
CA ASN C 7 -0.98 -20.02 -16.58
C ASN C 7 -2.26 -19.17 -16.56
N LYS C 8 -2.97 -19.19 -15.44
CA LYS C 8 -4.19 -18.40 -15.30
C LYS C 8 -3.81 -16.91 -15.24
N LEU C 9 -2.75 -16.62 -14.47
CA LEU C 9 -2.22 -15.28 -14.28
C LEU C 9 -1.96 -14.62 -15.63
N LEU C 10 -1.11 -15.24 -16.44
CA LEU C 10 -0.78 -14.70 -17.76
C LEU C 10 -2.01 -14.47 -18.64
N GLU C 11 -3.03 -15.32 -18.49
CA GLU C 11 -4.27 -15.20 -19.26
C GLU C 11 -5.07 -13.94 -18.88
N LEU C 12 -5.03 -13.58 -17.60
CA LEU C 12 -5.76 -12.40 -17.11
C LEU C 12 -4.99 -11.10 -17.32
N TRP C 13 -3.67 -11.21 -17.45
CA TRP C 13 -2.80 -10.04 -17.59
C TRP C 13 -3.17 -8.90 -18.53
N PRO C 14 -3.47 -9.17 -19.81
CA PRO C 14 -3.81 -8.04 -20.68
C PRO C 14 -4.95 -7.17 -20.15
N HIS C 15 -5.88 -7.78 -19.43
CA HIS C 15 -7.02 -7.06 -18.84
C HIS C 15 -6.56 -6.16 -17.69
N ILE C 16 -5.64 -6.65 -16.88
CA ILE C 16 -5.08 -5.88 -15.78
C ILE C 16 -4.34 -4.67 -16.35
N GLN C 17 -3.63 -4.86 -17.46
CA GLN C 17 -2.90 -3.76 -18.10
C GLN C 17 -3.88 -2.70 -18.57
N GLU C 18 -5.04 -3.13 -19.05
CA GLU C 18 -6.07 -2.20 -19.51
C GLU C 18 -6.55 -1.35 -18.33
N TYR C 19 -6.64 -1.98 -17.16
CA TYR C 19 -7.07 -1.30 -15.94
C TYR C 19 -6.04 -0.24 -15.54
N GLN C 20 -4.75 -0.62 -15.59
CA GLN C 20 -3.67 0.30 -15.25
C GLN C 20 -3.67 1.48 -16.22
N ASP C 21 -3.96 1.21 -17.49
CA ASP C 21 -4.02 2.27 -18.48
C ASP C 21 -5.15 3.26 -18.14
N LEU C 22 -6.31 2.74 -17.75
CA LEU C 22 -7.46 3.57 -17.37
C LEU C 22 -7.11 4.40 -16.15
N ALA C 23 -6.39 3.79 -15.21
CA ALA C 23 -5.96 4.49 -14.00
C ALA C 23 -4.99 5.63 -14.35
N LEU C 24 -4.05 5.35 -15.25
CA LEU C 24 -3.06 6.35 -15.68
C LEU C 24 -3.80 7.53 -16.31
N LYS C 25 -4.82 7.22 -17.09
CA LYS C 25 -5.62 8.25 -17.74
C LYS C 25 -6.23 9.20 -16.71
N HIS C 26 -6.41 8.73 -15.48
CA HIS C 26 -7.00 9.56 -14.43
C HIS C 26 -6.05 9.99 -13.29
N GLY C 27 -4.75 9.97 -13.55
CA GLY C 27 -3.77 10.39 -12.56
C GLY C 27 -3.20 9.43 -11.55
N ILE C 28 -3.51 8.14 -11.68
CA ILE C 28 -3.03 7.11 -10.76
C ILE C 28 -1.92 6.25 -11.40
N ASN C 29 -0.70 6.37 -10.86
CA ASN C 29 0.47 5.64 -11.36
C ASN C 29 0.61 4.17 -11.00
N ASP C 30 0.00 3.74 -9.91
CA ASP C 30 0.16 2.35 -9.50
C ASP C 30 -1.11 1.85 -8.80
N ILE C 31 -1.80 0.92 -9.43
CA ILE C 31 -3.03 0.40 -8.86
C ILE C 31 -2.80 -0.56 -7.70
N PHE C 32 -1.55 -1.02 -7.56
CA PHE C 32 -1.22 -1.99 -6.52
C PHE C 32 -0.69 -1.48 -5.18
N GLN C 33 -0.65 -0.16 -5.03
CA GLN C 33 -0.20 0.44 -3.78
C GLN C 33 -1.20 1.51 -3.34
N ASP C 34 -1.24 1.76 -2.03
CA ASP C 34 -2.10 2.79 -1.46
C ASP C 34 -3.54 2.76 -1.95
N ASN C 35 -4.11 1.56 -2.05
CA ASN C 35 -5.51 1.40 -2.52
C ASN C 35 -5.76 2.05 -3.89
N GLY C 36 -4.70 2.14 -4.71
CA GLY C 36 -4.81 2.74 -6.04
C GLY C 36 -5.98 2.25 -6.90
N GLY C 37 -6.11 0.93 -7.01
CA GLY C 37 -7.19 0.34 -7.79
C GLY C 37 -8.57 0.66 -7.25
N LYS C 38 -8.67 0.99 -5.97
CA LYS C 38 -9.96 1.35 -5.36
C LYS C 38 -10.23 2.83 -5.54
N LEU C 39 -9.21 3.65 -5.30
CA LEU C 39 -9.32 5.10 -5.48
C LEU C 39 -9.94 5.46 -6.86
N LEU C 40 -9.57 4.72 -7.90
CA LEU C 40 -10.05 4.97 -9.25
C LEU C 40 -11.57 4.79 -9.36
N GLN C 41 -12.08 3.76 -8.70
CA GLN C 41 -13.51 3.45 -8.72
C GLN C 41 -14.29 4.57 -8.04
N VAL C 42 -13.77 5.03 -6.89
CA VAL C 42 -14.40 6.12 -6.15
C VAL C 42 -14.44 7.42 -6.99
N LEU C 43 -13.35 7.72 -7.68
CA LEU C 43 -13.29 8.93 -8.50
C LEU C 43 -14.33 8.94 -9.62
N LEU C 44 -14.46 7.83 -10.34
CA LEU C 44 -15.41 7.76 -11.45
C LEU C 44 -16.87 7.80 -11.02
N ILE C 45 -17.18 7.26 -9.82
CA ILE C 45 -18.56 7.29 -9.32
C ILE C 45 -18.95 8.71 -8.85
N THR C 46 -18.06 9.35 -8.09
CA THR C 46 -18.30 10.68 -7.55
C THR C 46 -17.96 11.87 -8.47
N GLY C 47 -17.14 11.66 -9.47
CA GLY C 47 -16.77 12.75 -10.37
C GLY C 47 -15.63 13.63 -9.85
N LEU C 48 -14.94 13.18 -8.82
CA LEU C 48 -13.81 13.93 -8.24
C LEU C 48 -12.55 13.65 -9.07
N THR C 49 -11.51 14.45 -8.85
CA THR C 49 -10.26 14.27 -9.60
C THR C 49 -9.02 14.38 -8.70
N VAL C 50 -7.97 13.60 -9.01
CA VAL C 50 -6.72 13.71 -8.27
C VAL C 50 -5.79 14.49 -9.20
N LEU C 51 -5.18 15.55 -8.70
CA LEU C 51 -4.32 16.40 -9.52
C LEU C 51 -2.83 16.03 -9.47
N PRO C 52 -2.08 16.35 -10.54
CA PRO C 52 -0.65 16.04 -10.53
C PRO C 52 0.04 16.89 -9.47
N GLY C 53 0.97 16.31 -8.73
CA GLY C 53 1.64 17.06 -7.69
C GLY C 53 0.97 17.01 -6.33
N ARG C 54 -0.10 16.23 -6.19
CA ARG C 54 -0.81 16.10 -4.91
C ARG C 54 0.09 15.40 -3.89
N ALA C 55 -0.25 15.52 -2.61
CA ALA C 55 0.54 14.92 -1.54
C ALA C 55 0.16 13.51 -1.10
N GLY C 56 -1.01 13.04 -1.52
CA GLY C 56 -1.46 11.71 -1.14
C GLY C 56 -2.80 11.44 -1.76
N ASN C 57 -3.69 10.73 -1.07
CA ASN C 57 -5.01 10.46 -1.64
C ASN C 57 -6.04 11.57 -1.35
N ASP C 58 -5.75 12.77 -1.84
CA ASP C 58 -6.68 13.87 -1.66
C ASP C 58 -7.13 14.30 -3.05
N ALA C 59 -8.40 14.66 -3.17
CA ALA C 59 -8.97 15.02 -4.46
C ALA C 59 -9.68 16.36 -4.45
N VAL C 60 -10.11 16.81 -5.64
CA VAL C 60 -10.82 18.07 -5.79
C VAL C 60 -12.05 17.87 -6.68
N ASP C 61 -13.09 18.68 -6.50
CA ASP C 61 -14.24 18.56 -7.38
C ASP C 61 -14.17 19.64 -8.47
N ASN C 62 -15.27 19.86 -9.19
CA ASN C 62 -15.33 20.88 -10.24
C ASN C 62 -15.13 22.30 -9.72
N ALA C 63 -15.68 22.60 -8.55
CA ALA C 63 -15.56 23.93 -7.97
C ALA C 63 -14.26 24.13 -7.21
N GLY C 64 -13.32 23.22 -7.35
CA GLY C 64 -12.04 23.38 -6.67
C GLY C 64 -11.94 23.01 -5.19
N GLN C 65 -13.01 22.45 -4.61
CA GLN C 65 -12.99 22.05 -3.20
C GLN C 65 -12.12 20.79 -3.02
N GLU C 66 -11.25 20.80 -2.03
CA GLU C 66 -10.35 19.70 -1.68
C GLU C 66 -11.05 18.69 -0.76
N TYR C 67 -10.73 17.41 -0.89
CA TYR C 67 -11.30 16.33 -0.05
C TYR C 67 -10.24 15.29 0.29
N GLU C 68 -10.34 14.68 1.47
CA GLU C 68 -9.41 13.62 1.87
C GLU C 68 -10.18 12.29 1.68
N LEU C 69 -9.61 11.35 0.94
CA LEU C 69 -10.28 10.06 0.67
C LEU C 69 -9.72 8.86 1.47
N LYS C 70 -10.61 8.10 2.10
CA LYS C 70 -10.24 6.94 2.92
C LYS C 70 -11.04 5.69 2.53
N SER C 71 -10.41 4.52 2.61
CA SER C 71 -11.08 3.25 2.26
C SER C 71 -10.91 2.18 3.33
N ILE C 72 -11.95 1.37 3.54
CA ILE C 72 -11.88 0.28 4.52
C ILE C 72 -12.44 -0.99 3.90
N ASN C 73 -11.90 -2.12 4.36
CA ASN C 73 -12.32 -3.45 3.91
C ASN C 73 -13.06 -4.03 5.12
N ILE C 74 -14.39 -3.94 5.15
CA ILE C 74 -15.15 -4.46 6.29
C ILE C 74 -15.16 -5.97 6.51
N ASP C 75 -14.55 -6.72 5.60
CA ASP C 75 -14.47 -8.16 5.80
C ASP C 75 -13.35 -8.43 6.80
N LEU C 76 -12.50 -7.43 7.03
CA LEU C 76 -11.38 -7.57 7.95
C LEU C 76 -11.43 -6.72 9.20
N THR C 77 -11.87 -5.46 9.08
CA THR C 77 -11.89 -4.57 10.24
C THR C 77 -13.06 -3.60 10.27
N LYS C 78 -13.25 -2.93 11.41
CA LYS C 78 -14.36 -2.00 11.56
C LYS C 78 -13.97 -0.56 11.92
N GLY C 79 -12.69 -0.22 11.78
CA GLY C 79 -12.25 1.13 12.09
C GLY C 79 -11.36 1.65 10.97
N PHE C 80 -11.57 2.89 10.51
CA PHE C 80 -10.76 3.47 9.43
C PHE C 80 -9.39 3.89 9.96
N SER C 81 -8.32 3.56 9.22
CA SER C 81 -6.95 3.96 9.59
C SER C 81 -6.79 5.47 9.31
N THR C 82 -5.87 6.13 10.01
CA THR C 82 -5.68 7.57 9.81
C THR C 82 -4.24 7.92 9.46
N HIS C 83 -3.35 7.93 10.46
CA HIS C 83 -1.94 8.22 10.23
C HIS C 83 -1.17 7.43 11.23
N HIS C 84 -0.05 6.88 10.79
CA HIS C 84 0.72 6.05 11.64
C HIS C 84 1.50 6.85 12.70
N HIS C 85 1.49 8.20 12.52
CA HIS C 85 2.14 9.12 13.45
C HIS C 85 1.23 10.34 13.60
N MET C 86 0.09 10.22 14.25
CA MET C 86 -0.82 11.34 14.47
C MET C 86 -0.29 12.33 15.50
N ASN C 87 -0.40 13.61 15.19
CA ASN C 87 0.03 14.70 16.08
C ASN C 87 -0.64 15.97 15.54
N PRO C 88 -0.58 17.09 16.29
CA PRO C 88 -1.19 18.35 15.87
C PRO C 88 -0.86 18.85 14.45
N VAL C 89 0.36 18.60 13.96
CA VAL C 89 0.71 19.04 12.61
C VAL C 89 -0.09 18.26 11.56
N ILE C 90 -0.24 16.95 11.78
CA ILE C 90 -1.01 16.11 10.87
C ILE C 90 -2.47 16.54 10.92
N ILE C 91 -3.00 16.72 12.14
CA ILE C 91 -4.39 17.13 12.28
C ILE C 91 -4.63 18.43 11.52
N ALA C 92 -3.68 19.37 11.61
CA ALA C 92 -3.78 20.66 10.94
C ALA C 92 -4.02 20.52 9.44
N LYS C 93 -3.44 19.49 8.82
CA LYS C 93 -3.63 19.28 7.39
C LYS C 93 -5.07 18.86 7.11
N ALA C 94 -5.67 18.15 8.06
CA ALA C 94 -7.02 17.61 7.94
C ALA C 94 -8.22 18.51 8.25
N ARG C 95 -8.10 19.31 9.31
CA ARG C 95 -9.16 20.20 9.80
C ARG C 95 -10.13 20.91 8.86
N GLN C 96 -9.63 21.52 7.80
CA GLN C 96 -10.49 22.30 6.93
C GLN C 96 -11.23 21.63 5.80
N VAL C 97 -10.88 20.38 5.50
CA VAL C 97 -11.52 19.70 4.38
C VAL C 97 -12.48 18.57 4.74
N PRO C 98 -13.54 18.39 3.94
CA PRO C 98 -14.51 17.31 4.19
C PRO C 98 -13.80 15.99 3.86
N TRP C 99 -14.25 14.90 4.46
CA TRP C 99 -13.68 13.58 4.17
C TRP C 99 -14.70 12.68 3.44
N ILE C 100 -14.17 11.85 2.54
CA ILE C 100 -14.98 10.91 1.79
C ILE C 100 -14.55 9.51 2.26
N PHE C 101 -15.49 8.75 2.79
CA PHE C 101 -15.25 7.40 3.29
C PHE C 101 -15.91 6.35 2.41
N ALA C 102 -15.12 5.46 1.80
CA ALA C 102 -15.66 4.40 0.96
C ALA C 102 -15.62 3.07 1.75
N ILE C 103 -16.72 2.32 1.72
CA ILE C 103 -16.79 1.05 2.42
C ILE C 103 -16.76 -0.11 1.42
N TYR C 104 -15.79 -1.00 1.59
CA TYR C 104 -15.60 -2.16 0.72
C TYR C 104 -15.77 -3.52 1.41
N ARG C 105 -16.31 -4.46 0.65
CA ARG C 105 -16.48 -5.84 1.10
C ARG C 105 -15.43 -6.53 0.24
N GLY C 106 -14.21 -6.57 0.75
CA GLY C 106 -13.12 -7.15 0.00
C GLY C 106 -12.75 -6.22 -1.14
N ILE C 107 -13.35 -6.46 -2.30
CA ILE C 107 -13.10 -5.69 -3.52
C ILE C 107 -14.39 -5.05 -4.04
N ALA C 108 -15.52 -5.50 -3.51
CA ALA C 108 -16.83 -4.97 -3.93
C ALA C 108 -17.21 -3.71 -3.14
N ILE C 109 -17.38 -2.59 -3.84
CA ILE C 109 -17.79 -1.34 -3.17
C ILE C 109 -19.22 -1.48 -2.65
N GLU C 110 -19.44 -1.10 -1.40
CA GLU C 110 -20.75 -1.20 -0.77
C GLU C 110 -21.47 0.13 -0.57
N ALA C 111 -20.75 1.15 -0.09
CA ALA C 111 -21.33 2.47 0.16
C ALA C 111 -20.24 3.55 0.26
N ILE C 112 -20.66 4.80 0.09
CA ILE C 112 -19.73 5.94 0.20
C ILE C 112 -20.41 7.01 1.05
N TYR C 113 -19.69 7.52 2.05
CA TYR C 113 -20.24 8.55 2.93
C TYR C 113 -19.37 9.80 2.90
N ARG C 114 -19.98 10.93 3.22
CA ARG C 114 -19.28 12.20 3.30
C ARG C 114 -19.51 12.81 4.68
N LEU C 115 -18.43 13.24 5.33
CA LEU C 115 -18.52 13.90 6.64
C LEU C 115 -17.89 15.29 6.51
N GLU C 116 -18.50 16.27 7.17
CA GLU C 116 -18.00 17.64 7.15
C GLU C 116 -17.03 17.82 8.32
N PRO C 117 -16.19 18.88 8.28
CA PRO C 117 -15.24 19.12 9.38
C PRO C 117 -15.90 19.11 10.76
N LYS C 118 -17.10 19.68 10.84
CA LYS C 118 -17.85 19.76 12.10
C LYS C 118 -18.19 18.40 12.69
N ASP C 119 -18.46 17.42 11.82
CA ASP C 119 -18.78 16.06 12.26
C ASP C 119 -17.53 15.29 12.69
N LEU C 120 -16.35 15.85 12.45
CA LEU C 120 -15.08 15.20 12.79
C LEU C 120 -14.31 15.83 13.95
N GLU C 121 -14.69 17.06 14.34
CA GLU C 121 -14.03 17.76 15.45
C GLU C 121 -14.00 16.95 16.73
N PHE C 122 -14.98 16.06 16.89
CA PHE C 122 -15.08 15.20 18.04
C PHE C 122 -13.77 14.43 18.22
N TYR C 123 -13.29 13.80 17.13
CA TYR C 123 -12.05 13.04 17.15
C TYR C 123 -10.79 13.88 17.20
N TYR C 124 -10.78 15.02 16.51
CA TYR C 124 -9.61 15.89 16.54
C TYR C 124 -9.35 16.33 17.98
N ASP C 125 -10.42 16.67 18.69
CA ASP C 125 -10.30 17.10 20.08
C ASP C 125 -9.79 15.96 20.97
N LYS C 126 -10.25 14.75 20.71
CA LYS C 126 -9.85 13.58 21.49
C LYS C 126 -8.34 13.33 21.31
N TRP C 127 -7.88 13.28 20.07
CA TRP C 127 -6.48 13.02 19.77
C TRP C 127 -5.53 14.10 20.28
N GLU C 128 -5.94 15.35 20.15
CA GLU C 128 -5.14 16.47 20.60
C GLU C 128 -5.01 16.43 22.13
N ARG C 129 -6.14 16.17 22.79
CA ARG C 129 -6.19 16.09 24.24
C ARG C 129 -5.30 14.97 24.76
N LYS C 130 -5.19 13.87 24.02
CA LYS C 130 -4.33 12.77 24.43
C LYS C 130 -2.86 13.02 24.15
N TRP C 131 -2.57 13.62 23.00
CA TRP C 131 -1.19 13.88 22.61
C TRP C 131 -0.48 14.68 23.70
N TYR C 132 -1.16 15.71 24.21
CA TYR C 132 -0.58 16.53 25.26
C TYR C 132 -0.33 15.69 26.50
N SER C 133 -1.38 15.05 27.01
CA SER C 133 -1.29 14.22 28.19
C SER C 133 -0.10 13.24 28.14
N ASP C 134 0.09 12.58 27.01
CA ASP C 134 1.18 11.62 26.85
C ASP C 134 2.59 12.19 26.85
N GLY C 135 2.72 13.49 27.09
CA GLY C 135 4.04 14.10 27.08
C GLY C 135 4.50 14.32 25.65
N HIS C 136 3.54 14.56 24.76
CA HIS C 136 3.80 14.82 23.34
C HIS C 136 4.22 13.60 22.51
N LYS C 137 3.67 12.44 22.84
CA LYS C 137 3.98 11.19 22.14
C LYS C 137 3.05 11.03 20.90
N ASP C 138 3.61 10.70 19.74
CA ASP C 138 2.78 10.54 18.54
C ASP C 138 1.85 9.35 18.74
N ILE C 139 0.63 9.43 18.25
CA ILE C 139 -0.32 8.33 18.40
C ILE C 139 -0.18 7.39 17.19
N ASN C 140 0.00 6.10 17.45
CA ASN C 140 0.16 5.14 16.36
C ASN C 140 -1.16 4.66 15.75
N ASN C 141 -1.60 5.34 14.69
CA ASN C 141 -2.81 4.97 13.96
C ASN C 141 -4.16 4.82 14.71
N PRO C 142 -4.66 5.91 15.33
CA PRO C 142 -5.96 5.82 16.03
C PRO C 142 -7.06 5.62 14.97
N LYS C 143 -8.12 4.90 15.32
CA LYS C 143 -9.20 4.60 14.38
C LYS C 143 -10.51 5.37 14.51
N ILE C 144 -11.22 5.51 13.40
CA ILE C 144 -12.53 6.16 13.38
C ILE C 144 -13.51 5.01 13.06
N PRO C 145 -14.39 4.65 14.02
CA PRO C 145 -15.37 3.57 13.87
C PRO C 145 -16.34 3.70 12.67
N VAL C 146 -16.55 2.61 11.95
CA VAL C 146 -17.45 2.62 10.81
C VAL C 146 -18.85 3.08 11.24
N LYS C 147 -19.30 2.63 12.41
CA LYS C 147 -20.62 2.99 12.91
C LYS C 147 -20.77 4.50 13.02
N TYR C 148 -19.70 5.16 13.45
CA TYR C 148 -19.71 6.61 13.60
C TYR C 148 -19.94 7.31 12.25
N VAL C 149 -19.23 6.84 11.23
CA VAL C 149 -19.33 7.39 9.88
C VAL C 149 -20.73 7.22 9.33
N MET C 150 -21.29 6.02 9.46
CA MET C 150 -22.64 5.72 8.96
C MET C 150 -23.74 6.48 9.66
N GLU C 151 -23.50 6.80 10.93
CA GLU C 151 -24.49 7.53 11.71
C GLU C 151 -24.44 9.05 11.58
N HIS C 152 -23.23 9.62 11.54
CA HIS C 152 -23.06 11.07 11.43
C HIS C 152 -22.92 11.62 10.01
N GLY C 153 -22.56 10.78 9.05
CA GLY C 153 -22.37 11.26 7.68
C GLY C 153 -23.59 11.22 6.78
N THR C 154 -23.41 11.72 5.56
CA THR C 154 -24.45 11.74 4.53
C THR C 154 -24.06 10.73 3.45
N LYS C 155 -24.93 9.76 3.20
CA LYS C 155 -24.71 8.72 2.21
C LYS C 155 -24.81 9.32 0.81
N ILE C 156 -23.77 9.14 -0.02
CA ILE C 156 -23.80 9.67 -1.39
C ILE C 156 -23.76 8.56 -2.46
N TYR C 157 -23.65 7.32 -1.99
CA TYR C 157 -23.66 6.15 -2.85
C TYR C 157 -24.10 4.96 -2.00
N SER D 2 -21.31 11.06 -12.30
CA SER D 2 -20.35 9.95 -12.57
C SER D 2 -19.66 10.22 -13.90
N HIS D 3 -18.42 9.78 -14.03
CA HIS D 3 -17.66 9.98 -15.25
C HIS D 3 -18.03 8.94 -16.30
N PRO D 4 -18.05 9.34 -17.60
CA PRO D 4 -18.41 8.41 -18.67
C PRO D 4 -17.51 7.16 -18.69
N ASP D 5 -16.29 7.27 -18.15
CA ASP D 5 -15.37 6.13 -18.14
C ASP D 5 -15.80 5.00 -17.20
N LEU D 6 -16.81 5.25 -16.38
CA LEU D 6 -17.30 4.24 -15.45
C LEU D 6 -17.77 3.02 -16.21
N ASN D 7 -18.24 3.23 -17.43
CA ASN D 7 -18.72 2.14 -18.27
C ASN D 7 -17.61 1.16 -18.62
N LYS D 8 -16.41 1.69 -18.83
CA LYS D 8 -15.27 0.86 -19.16
C LYS D 8 -14.86 0.06 -17.92
N LEU D 9 -14.87 0.71 -16.75
CA LEU D 9 -14.53 0.04 -15.50
C LEU D 9 -15.49 -1.13 -15.29
N LEU D 10 -16.76 -0.89 -15.59
CA LEU D 10 -17.82 -1.89 -15.47
C LEU D 10 -17.54 -3.09 -16.37
N GLU D 11 -16.98 -2.85 -17.55
CA GLU D 11 -16.65 -3.94 -18.48
C GLU D 11 -15.49 -4.80 -17.98
N LEU D 12 -14.49 -4.14 -17.39
CA LEU D 12 -13.30 -4.81 -16.88
C LEU D 12 -13.49 -5.52 -15.54
N TRP D 13 -14.46 -5.06 -14.76
CA TRP D 13 -14.68 -5.61 -13.42
C TRP D 13 -14.64 -7.13 -13.19
N PRO D 14 -15.43 -7.91 -13.94
CA PRO D 14 -15.39 -9.36 -13.72
C PRO D 14 -13.99 -9.98 -13.78
N HIS D 15 -13.12 -9.42 -14.62
CA HIS D 15 -11.75 -9.93 -14.74
C HIS D 15 -10.93 -9.56 -13.52
N ILE D 16 -11.19 -8.36 -12.98
CA ILE D 16 -10.49 -7.87 -11.80
C ILE D 16 -10.85 -8.75 -10.62
N GLN D 17 -12.13 -9.10 -10.50
CA GLN D 17 -12.59 -9.95 -9.42
C GLN D 17 -11.94 -11.34 -9.50
N GLU D 18 -11.73 -11.84 -10.72
CA GLU D 18 -11.07 -13.14 -10.90
C GLU D 18 -9.65 -13.11 -10.34
N TYR D 19 -8.93 -12.03 -10.65
CA TYR D 19 -7.56 -11.85 -10.17
C TYR D 19 -7.55 -11.80 -8.64
N GLN D 20 -8.52 -11.13 -8.03
CA GLN D 20 -8.59 -11.07 -6.56
C GLN D 20 -8.87 -12.47 -5.99
N ASP D 21 -9.66 -13.27 -6.72
CA ASP D 21 -9.98 -14.63 -6.28
C ASP D 21 -8.74 -15.52 -6.28
N LEU D 22 -7.91 -15.37 -7.32
CA LEU D 22 -6.66 -16.12 -7.47
C LEU D 22 -5.70 -15.73 -6.33
N ALA D 23 -5.64 -14.45 -6.02
CA ALA D 23 -4.78 -13.95 -4.95
C ALA D 23 -5.23 -14.50 -3.59
N LEU D 24 -6.54 -14.51 -3.35
CA LEU D 24 -7.11 -15.01 -2.10
C LEU D 24 -6.73 -16.48 -1.83
N LYS D 25 -6.72 -17.27 -2.90
CA LYS D 25 -6.36 -18.67 -2.80
C LYS D 25 -4.90 -18.84 -2.38
N HIS D 26 -4.06 -17.86 -2.73
CA HIS D 26 -2.65 -17.91 -2.37
C HIS D 26 -2.30 -17.06 -1.16
N GLY D 27 -3.28 -16.81 -0.30
CA GLY D 27 -3.03 -16.06 0.92
C GLY D 27 -2.95 -14.54 0.88
N ILE D 28 -3.33 -13.92 -0.23
CA ILE D 28 -3.29 -12.45 -0.33
C ILE D 28 -4.72 -11.88 -0.26
N ASN D 29 -4.98 -11.11 0.80
CA ASN D 29 -6.29 -10.49 1.05
C ASN D 29 -6.68 -9.31 0.19
N ASP D 30 -5.73 -8.47 -0.19
CA ASP D 30 -6.02 -7.26 -0.93
C ASP D 30 -4.96 -7.01 -1.99
N ILE D 31 -5.34 -7.10 -3.25
CA ILE D 31 -4.37 -6.88 -4.32
C ILE D 31 -3.97 -5.41 -4.53
N PHE D 32 -4.77 -4.48 -4.02
CA PHE D 32 -4.50 -3.04 -4.19
C PHE D 32 -3.67 -2.36 -3.08
N GLN D 33 -3.08 -3.15 -2.19
CA GLN D 33 -2.26 -2.60 -1.12
C GLN D 33 -1.01 -3.43 -0.97
N ASP D 34 0.02 -2.83 -0.38
CA ASP D 34 1.32 -3.47 -0.12
C ASP D 34 1.88 -4.27 -1.29
N ASN D 35 1.64 -3.77 -2.51
CA ASN D 35 2.09 -4.44 -3.73
C ASN D 35 1.51 -5.85 -3.89
N GLY D 36 0.38 -6.10 -3.26
CA GLY D 36 -0.27 -7.41 -3.32
C GLY D 36 -0.40 -8.07 -4.70
N GLY D 37 -0.83 -7.29 -5.68
CA GLY D 37 -1.00 -7.81 -7.03
C GLY D 37 0.30 -8.21 -7.72
N LYS D 38 1.42 -7.62 -7.32
CA LYS D 38 2.72 -7.94 -7.91
C LYS D 38 3.30 -9.12 -7.14
N LEU D 39 3.12 -9.10 -5.83
CA LEU D 39 3.60 -10.15 -4.95
C LEU D 39 3.07 -11.52 -5.45
N LEU D 40 1.81 -11.53 -5.91
CA LEU D 40 1.22 -12.77 -6.40
C LEU D 40 2.03 -13.30 -7.56
N GLN D 41 2.42 -12.41 -8.47
CA GLN D 41 3.20 -12.81 -9.63
C GLN D 41 4.55 -13.43 -9.22
N VAL D 42 5.24 -12.80 -8.28
CA VAL D 42 6.54 -13.31 -7.79
C VAL D 42 6.39 -14.70 -7.17
N LEU D 43 5.32 -14.89 -6.41
CA LEU D 43 5.05 -16.17 -5.76
C LEU D 43 4.82 -17.28 -6.80
N LEU D 44 4.07 -16.96 -7.85
CA LEU D 44 3.77 -17.96 -8.87
C LEU D 44 4.98 -18.36 -9.70
N ILE D 45 5.87 -17.40 -9.95
CA ILE D 45 7.08 -17.66 -10.72
C ILE D 45 8.10 -18.48 -9.91
N THR D 46 8.36 -18.04 -8.69
CA THR D 46 9.32 -18.69 -7.81
C THR D 46 8.85 -19.98 -7.12
N GLY D 47 7.55 -20.11 -6.90
CA GLY D 47 7.04 -21.29 -6.21
C GLY D 47 7.03 -21.13 -4.70
N LEU D 48 7.28 -19.92 -4.21
CA LEU D 48 7.28 -19.65 -2.77
C LEU D 48 5.83 -19.51 -2.29
N THR D 49 5.61 -19.70 -0.99
CA THR D 49 4.26 -19.58 -0.42
C THR D 49 4.29 -18.66 0.80
N VAL D 50 3.19 -17.95 1.07
CA VAL D 50 3.11 -17.06 2.22
C VAL D 50 2.58 -17.81 3.44
N LEU D 51 3.07 -17.43 4.62
CA LEU D 51 2.65 -18.08 5.86
C LEU D 51 1.42 -17.40 6.50
N PRO D 52 0.39 -18.20 6.86
CA PRO D 52 -0.81 -17.62 7.47
C PRO D 52 -0.42 -16.91 8.78
N GLY D 53 -0.96 -15.72 8.99
CA GLY D 53 -0.63 -14.97 10.19
C GLY D 53 0.82 -14.56 10.14
N ARG D 54 1.25 -14.06 8.98
CA ARG D 54 2.64 -13.63 8.78
C ARG D 54 2.83 -12.16 9.11
N ALA D 55 4.09 -11.75 9.16
CA ALA D 55 4.48 -10.37 9.45
C ALA D 55 5.07 -9.78 8.17
N GLY D 56 4.24 -9.08 7.40
CA GLY D 56 4.73 -8.48 6.16
C GLY D 56 4.83 -9.40 4.96
N ASN D 57 5.54 -8.96 3.92
CA ASN D 57 5.70 -9.76 2.70
C ASN D 57 6.81 -10.82 2.84
N ASP D 58 6.58 -11.81 3.69
CA ASP D 58 7.53 -12.88 3.92
C ASP D 58 6.96 -14.19 3.41
N ALA D 59 7.81 -15.01 2.80
CA ALA D 59 7.38 -16.27 2.23
C ALA D 59 8.35 -17.37 2.61
N VAL D 60 7.99 -18.62 2.33
CA VAL D 60 8.83 -19.78 2.64
C VAL D 60 8.86 -20.78 1.49
N ASP D 61 9.95 -21.55 1.39
CA ASP D 61 10.07 -22.58 0.35
C ASP D 61 9.73 -23.95 0.93
N ASN D 62 9.82 -24.98 0.09
CA ASN D 62 9.52 -26.36 0.47
C ASN D 62 10.36 -26.95 1.60
N ALA D 63 11.36 -26.21 2.08
CA ALA D 63 12.20 -26.72 3.16
C ALA D 63 12.03 -25.94 4.47
N GLY D 64 11.16 -24.94 4.45
CA GLY D 64 10.93 -24.14 5.64
C GLY D 64 11.78 -22.88 5.76
N GLN D 65 12.65 -22.63 4.79
CA GLN D 65 13.50 -21.44 4.81
C GLN D 65 12.64 -20.21 4.54
N GLU D 66 12.87 -19.15 5.31
CA GLU D 66 12.12 -17.91 5.20
C GLU D 66 12.82 -16.87 4.31
N TYR D 67 12.04 -16.07 3.59
CA TYR D 67 12.59 -15.01 2.70
C TYR D 67 11.86 -13.69 2.87
N GLU D 68 12.57 -12.59 2.58
CA GLU D 68 12.03 -11.25 2.66
C GLU D 68 11.89 -10.77 1.21
N LEU D 69 10.68 -10.43 0.78
CA LEU D 69 10.43 -9.98 -0.60
C LEU D 69 10.19 -8.49 -0.78
N LYS D 70 10.94 -7.86 -1.68
CA LYS D 70 10.82 -6.43 -1.96
C LYS D 70 10.55 -6.20 -3.45
N SER D 71 9.89 -5.10 -3.78
CA SER D 71 9.58 -4.75 -5.17
C SER D 71 9.84 -3.29 -5.45
N ILE D 72 10.16 -2.96 -6.70
CA ILE D 72 10.44 -1.58 -7.11
C ILE D 72 9.96 -1.33 -8.54
N ASN D 73 9.52 -0.09 -8.80
CA ASN D 73 9.05 0.32 -10.13
C ASN D 73 10.21 1.13 -10.70
N ILE D 74 11.00 0.47 -11.55
CA ILE D 74 12.20 1.07 -12.16
C ILE D 74 11.97 2.33 -13.02
N ASP D 75 10.76 2.53 -13.51
CA ASP D 75 10.43 3.72 -14.30
C ASP D 75 10.39 4.96 -13.42
N LEU D 76 10.03 4.76 -12.15
CA LEU D 76 9.91 5.85 -11.20
C LEU D 76 11.13 6.07 -10.35
N THR D 77 11.64 5.00 -9.76
CA THR D 77 12.76 5.16 -8.84
C THR D 77 13.82 4.07 -8.97
N LYS D 78 15.02 4.37 -8.47
CA LYS D 78 16.15 3.46 -8.50
C LYS D 78 16.69 2.98 -7.16
N GLY D 79 15.92 3.16 -6.10
CA GLY D 79 16.36 2.70 -4.80
C GLY D 79 15.27 1.91 -4.06
N PHE D 80 15.57 0.68 -3.65
CA PHE D 80 14.59 -0.15 -2.95
C PHE D 80 14.31 0.38 -1.54
N SER D 81 13.04 0.48 -1.18
CA SER D 81 12.62 0.92 0.16
C SER D 81 12.94 -0.19 1.16
N THR D 82 13.05 0.19 2.44
CA THR D 82 13.34 -0.77 3.51
C THR D 82 12.32 -0.69 4.66
N HIS D 83 12.50 0.26 5.57
CA HIS D 83 11.57 0.42 6.67
C HIS D 83 11.57 1.91 7.02
N HIS D 84 10.39 2.43 7.28
CA HIS D 84 10.17 3.81 7.60
C HIS D 84 10.81 4.23 8.93
N HIS D 85 11.12 3.28 9.80
CA HIS D 85 11.82 3.55 11.06
C HIS D 85 12.88 2.48 11.31
N MET D 86 13.94 2.54 10.51
CA MET D 86 15.06 1.59 10.57
C MET D 86 15.86 1.78 11.86
N ASN D 87 16.09 0.68 12.57
CA ASN D 87 16.82 0.70 13.84
C ASN D 87 17.38 -0.71 14.07
N PRO D 88 18.16 -0.92 15.16
CA PRO D 88 18.73 -2.25 15.45
C PRO D 88 17.71 -3.37 15.65
N VAL D 89 16.52 -3.04 16.15
CA VAL D 89 15.51 -4.07 16.35
C VAL D 89 15.09 -4.65 15.00
N ILE D 90 14.78 -3.77 14.05
CA ILE D 90 14.38 -4.21 12.71
C ILE D 90 15.54 -4.94 12.03
N ILE D 91 16.75 -4.36 12.11
CA ILE D 91 17.92 -4.99 11.48
C ILE D 91 18.17 -6.42 11.99
N ALA D 92 17.84 -6.67 13.24
CA ALA D 92 18.02 -8.00 13.81
C ALA D 92 17.18 -9.03 13.06
N LYS D 93 15.93 -8.69 12.76
CA LYS D 93 15.05 -9.60 12.02
C LYS D 93 15.65 -9.90 10.65
N ALA D 94 15.94 -8.84 9.91
CA ALA D 94 16.49 -8.93 8.56
C ALA D 94 17.76 -9.76 8.42
N ARG D 95 18.65 -9.69 9.41
CA ARG D 95 19.92 -10.41 9.36
C ARG D 95 19.90 -11.92 9.11
N GLN D 96 18.90 -12.62 9.61
CA GLN D 96 18.83 -14.08 9.45
C GLN D 96 18.36 -14.65 8.11
N VAL D 97 17.59 -13.87 7.34
CA VAL D 97 17.04 -14.35 6.07
C VAL D 97 17.58 -13.70 4.79
N PRO D 98 17.46 -14.41 3.66
CA PRO D 98 17.90 -13.89 2.37
C PRO D 98 16.79 -12.97 1.86
N TRP D 99 17.12 -12.08 0.92
CA TRP D 99 16.12 -11.16 0.37
C TRP D 99 15.93 -11.41 -1.12
N ILE D 100 14.68 -11.34 -1.57
CA ILE D 100 14.32 -11.51 -2.96
C ILE D 100 13.92 -10.12 -3.44
N PHE D 101 14.56 -9.65 -4.52
CA PHE D 101 14.30 -8.32 -5.07
C PHE D 101 13.65 -8.41 -6.46
N ALA D 102 12.41 -7.95 -6.58
CA ALA D 102 11.72 -7.96 -7.88
C ALA D 102 11.74 -6.58 -8.54
N ILE D 103 12.15 -6.55 -9.80
CA ILE D 103 12.25 -5.31 -10.58
C ILE D 103 11.11 -5.25 -11.59
N TYR D 104 10.39 -4.12 -11.59
CA TYR D 104 9.25 -3.90 -12.49
C TYR D 104 9.35 -2.59 -13.28
N ARG D 105 8.79 -2.57 -14.49
CA ARG D 105 8.75 -1.37 -15.33
C ARG D 105 7.24 -1.12 -15.41
N GLY D 106 6.71 -0.48 -14.37
CA GLY D 106 5.27 -0.25 -14.30
C GLY D 106 4.71 -1.51 -13.66
N ILE D 107 3.97 -2.31 -14.41
CA ILE D 107 3.43 -3.55 -13.88
C ILE D 107 4.04 -4.73 -14.62
N ALA D 108 4.96 -4.43 -15.54
CA ALA D 108 5.62 -5.47 -16.31
C ALA D 108 6.90 -5.90 -15.59
N ILE D 109 6.92 -7.15 -15.10
CA ILE D 109 8.08 -7.68 -14.39
C ILE D 109 9.28 -7.85 -15.34
N GLU D 110 10.43 -7.37 -14.91
CA GLU D 110 11.66 -7.41 -15.70
C GLU D 110 12.66 -8.47 -15.22
N ALA D 111 12.95 -8.49 -13.92
CA ALA D 111 13.90 -9.44 -13.38
C ALA D 111 13.75 -9.66 -11.88
N ILE D 112 14.34 -10.74 -11.38
CA ILE D 112 14.29 -11.05 -9.97
C ILE D 112 15.70 -11.50 -9.55
N TYR D 113 16.23 -10.86 -8.50
CA TYR D 113 17.55 -11.19 -7.97
C TYR D 113 17.45 -11.68 -6.54
N ARG D 114 18.45 -12.44 -6.10
CA ARG D 114 18.47 -12.95 -4.72
C ARG D 114 19.79 -12.56 -4.05
N LEU D 115 19.72 -12.00 -2.84
CA LEU D 115 20.91 -11.61 -2.08
C LEU D 115 20.93 -12.38 -0.76
N GLU D 116 22.11 -12.84 -0.37
CA GLU D 116 22.27 -13.58 0.89
C GLU D 116 22.62 -12.60 2.02
N PRO D 117 22.48 -13.02 3.30
CA PRO D 117 22.80 -12.13 4.42
C PRO D 117 24.19 -11.52 4.29
N LYS D 118 25.15 -12.30 3.79
CA LYS D 118 26.51 -11.82 3.61
C LYS D 118 26.59 -10.66 2.63
N ASP D 119 25.75 -10.69 1.60
CA ASP D 119 25.74 -9.66 0.57
C ASP D 119 25.14 -8.34 1.05
N LEU D 120 24.29 -8.39 2.06
CA LEU D 120 23.65 -7.18 2.58
C LEU D 120 24.35 -6.57 3.80
N GLU D 121 25.14 -7.38 4.48
CA GLU D 121 25.87 -6.95 5.68
C GLU D 121 26.56 -5.58 5.53
N PHE D 122 26.94 -5.26 4.30
CA PHE D 122 27.59 -3.99 3.99
C PHE D 122 26.70 -2.83 4.43
N TYR D 123 25.40 -2.96 4.16
CA TYR D 123 24.41 -1.93 4.50
C TYR D 123 23.98 -1.97 5.96
N TYR D 124 23.89 -3.17 6.51
CA TYR D 124 23.51 -3.34 7.90
C TYR D 124 24.49 -2.60 8.80
N ASP D 125 25.78 -2.71 8.50
CA ASP D 125 26.79 -2.04 9.29
C ASP D 125 26.71 -0.54 9.15
N LYS D 126 26.44 -0.07 7.93
CA LYS D 126 26.34 1.37 7.70
C LYS D 126 25.20 1.95 8.54
N TRP D 127 24.06 1.28 8.53
CA TRP D 127 22.89 1.75 9.27
C TRP D 127 23.09 1.68 10.77
N GLU D 128 23.51 0.52 11.26
CA GLU D 128 23.73 0.31 12.68
C GLU D 128 24.74 1.32 13.26
N ARG D 129 25.81 1.60 12.52
CA ARG D 129 26.80 2.55 12.97
C ARG D 129 26.16 3.93 13.11
N LYS D 130 25.37 4.33 12.12
CA LYS D 130 24.72 5.64 12.13
C LYS D 130 23.73 5.77 13.27
N TRP D 131 22.97 4.70 13.54
CA TRP D 131 22.00 4.73 14.62
C TRP D 131 22.71 4.98 15.96
N TYR D 132 23.80 4.27 16.19
CA TYR D 132 24.58 4.43 17.42
C TYR D 132 25.27 5.79 17.49
N SER D 133 25.81 6.22 16.37
CA SER D 133 26.50 7.50 16.27
C SER D 133 25.52 8.67 16.46
N ASP D 134 24.49 8.71 15.62
CA ASP D 134 23.47 9.76 15.61
C ASP D 134 22.71 10.05 16.91
N GLY D 135 22.95 9.27 17.95
CA GLY D 135 22.23 9.53 19.18
C GLY D 135 20.99 8.67 19.29
N HIS D 136 21.03 7.49 18.67
CA HIS D 136 19.94 6.55 18.74
C HIS D 136 18.61 7.03 18.12
N LYS D 137 18.72 7.65 16.95
CA LYS D 137 17.56 8.16 16.22
C LYS D 137 17.27 7.21 15.04
N ASP D 138 15.99 6.92 14.80
CA ASP D 138 15.58 6.04 13.70
C ASP D 138 15.83 6.64 12.33
N ILE D 139 16.28 5.80 11.38
CA ILE D 139 16.54 6.28 10.03
C ILE D 139 15.28 6.10 9.20
N ASN D 140 14.85 7.18 8.56
CA ASN D 140 13.62 7.17 7.75
C ASN D 140 13.79 6.64 6.32
N ASN D 141 13.47 5.36 6.16
CA ASN D 141 13.54 4.66 4.89
C ASN D 141 14.81 4.78 4.05
N PRO D 142 15.97 4.29 4.55
CA PRO D 142 17.20 4.38 3.76
C PRO D 142 17.04 3.41 2.58
N LYS D 143 17.67 3.71 1.45
CA LYS D 143 17.52 2.89 0.24
C LYS D 143 18.69 1.99 -0.11
N ILE D 144 18.40 0.95 -0.89
CA ILE D 144 19.42 0.02 -1.40
C ILE D 144 19.33 0.24 -2.91
N PRO D 145 20.40 0.77 -3.53
CA PRO D 145 20.48 1.05 -4.96
C PRO D 145 20.28 -0.18 -5.85
N VAL D 146 19.58 -0.01 -6.97
CA VAL D 146 19.36 -1.14 -7.89
C VAL D 146 20.67 -1.63 -8.48
N LYS D 147 21.66 -0.75 -8.57
CA LYS D 147 22.98 -1.12 -9.08
C LYS D 147 23.67 -2.14 -8.16
N TYR D 148 23.55 -1.92 -6.86
CA TYR D 148 24.14 -2.82 -5.88
C TYR D 148 23.53 -4.22 -5.95
N VAL D 149 22.21 -4.28 -6.10
CA VAL D 149 21.49 -5.55 -6.18
C VAL D 149 21.94 -6.34 -7.41
N MET D 150 22.02 -5.66 -8.55
CA MET D 150 22.45 -6.29 -9.78
C MET D 150 23.90 -6.77 -9.73
N GLU D 151 24.79 -5.98 -9.13
CA GLU D 151 26.20 -6.35 -9.06
C GLU D 151 26.61 -7.35 -7.98
N HIS D 152 25.77 -7.58 -6.96
CA HIS D 152 26.14 -8.53 -5.91
C HIS D 152 25.10 -9.65 -5.79
N GLY D 153 24.08 -9.63 -6.63
CA GLY D 153 23.04 -10.65 -6.55
C GLY D 153 23.04 -11.76 -7.60
N THR D 154 22.31 -12.82 -7.29
CA THR D 154 22.17 -13.96 -8.19
C THR D 154 20.84 -13.77 -8.94
N LYS D 155 20.89 -13.69 -10.26
CA LYS D 155 19.69 -13.52 -11.06
C LYS D 155 18.87 -14.82 -11.02
N ILE D 156 17.61 -14.71 -10.60
CA ILE D 156 16.73 -15.86 -10.47
C ILE D 156 15.69 -15.94 -11.59
N TYR D 157 15.44 -14.81 -12.24
CA TYR D 157 14.46 -14.75 -13.33
C TYR D 157 14.85 -13.60 -14.25
#